data_3Q8G
#
_entry.id   3Q8G
#
_cell.length_a   49.503
_cell.length_b   71.388
_cell.length_c   99.650
_cell.angle_alpha   90.00
_cell.angle_beta   90.00
_cell.angle_gamma   90.00
#
_symmetry.space_group_name_H-M   'P 21 21 21'
#
loop_
_entity.id
_entity.type
_entity.pdbx_description
1 polymer 'CRAL-TRIO domain-containing protein YKL091C'
2 non-polymer 1,2-dioleoyl-sn-glycero-3-phosphoethanolamine
3 non-polymer GLYCEROL
4 water water
#
_entity_poly.entity_id   1
_entity_poly.type   'polypeptide(L)'
_entity_poly.pdbx_seq_one_letter_code
;MGHHHHHHHHMTTSILDTYPQICSPNALPGTPGNLTKEQEEALLQFRSILLEKNYKERLDDSTLLRFLRARKFDINASVE
MFVETERWREEYGANTIIEDYENNKEAEDKERIKLAKMYPQYYHHVDKDGRPLYFAELGGINLKKMYKITTEKQMLRNLV
KEYELFATYRVPACSRRAGYLIETSCTVLDLKGISLSNAYHVLSYIKDVADISQNYYPERMGKFYIIHSPFGFSTMFKMV
KPFLDPVTVSKIFILGSSYKKELLKQIPIENLPVKYGGTSVLHNPNDKFYYSDIGPWRDPRYIGPEGEIPNIFGKFTVTS
;
_entity_poly.pdbx_strand_id   A
#
loop_
_chem_comp.id
_chem_comp.type
_chem_comp.name
_chem_comp.formula
GOL non-polymer GLYCEROL 'C3 H8 O3'
PEE non-polymer 1,2-dioleoyl-sn-glycero-3-phosphoethanolamine 'C41 H78 N O8 P'
#
# COMPACT_ATOMS: atom_id res chain seq x y z
N SER A 14 -6.68 -9.84 19.79
CA SER A 14 -5.68 -10.91 20.09
C SER A 14 -4.98 -11.43 18.82
N ILE A 15 -5.44 -10.97 17.66
CA ILE A 15 -4.85 -11.35 16.37
C ILE A 15 -3.37 -10.94 16.29
N LEU A 16 -3.03 -9.82 16.91
CA LEU A 16 -1.63 -9.35 16.98
C LEU A 16 -0.70 -10.34 17.66
N ASP A 17 -1.27 -11.22 18.48
CA ASP A 17 -0.48 -12.22 19.19
C ASP A 17 -0.10 -13.41 18.31
N THR A 18 -0.62 -13.44 17.08
CA THR A 18 -0.39 -14.56 16.17
C THR A 18 0.58 -14.24 15.03
N TYR A 19 1.15 -13.03 15.06
CA TYR A 19 2.22 -12.69 14.12
C TYR A 19 3.25 -11.76 14.76
N PRO A 20 4.49 -11.76 14.25
CA PRO A 20 5.53 -10.92 14.86
C PRO A 20 5.18 -9.43 14.92
N GLN A 21 5.49 -8.82 16.06
CA GLN A 21 5.21 -7.39 16.29
C GLN A 21 6.50 -6.59 16.45
N ILE A 22 7.63 -7.22 16.12
CA ILE A 22 8.90 -6.51 16.02
C ILE A 22 9.44 -6.63 14.59
N CYS A 23 9.95 -5.52 14.06
CA CYS A 23 10.54 -5.51 12.73
C CYS A 23 11.87 -6.26 12.71
N SER A 24 12.41 -6.47 11.51
CA SER A 24 13.77 -6.98 11.37
C SER A 24 14.72 -6.07 12.15
N PRO A 25 15.74 -6.66 12.81
CA PRO A 25 16.73 -5.82 13.50
C PRO A 25 17.49 -4.91 12.52
N ASN A 26 17.40 -5.23 11.23
CA ASN A 26 18.06 -4.45 10.17
C ASN A 26 17.17 -3.38 9.53
N ALA A 27 16.03 -3.11 10.14
CA ALA A 27 15.09 -2.13 9.59
C ALA A 27 15.50 -0.69 9.92
N LEU A 28 14.74 0.27 9.42
CA LEU A 28 15.00 1.69 9.64
C LEU A 28 14.82 2.10 11.12
N PRO A 29 15.45 3.20 11.54
CA PRO A 29 15.33 3.67 12.92
C PRO A 29 13.88 4.04 13.27
N GLY A 30 13.51 3.87 14.54
CA GLY A 30 12.16 4.23 15.00
C GLY A 30 11.08 3.20 14.70
N THR A 31 11.49 2.02 14.21
CA THR A 31 10.57 0.90 13.95
C THR A 31 10.44 -0.04 15.17
N PRO A 32 9.29 -0.76 15.28
CA PRO A 32 9.04 -1.67 16.40
C PRO A 32 10.24 -2.61 16.68
N GLY A 33 10.72 -2.62 17.91
CA GLY A 33 11.83 -3.47 18.32
C GLY A 33 13.20 -2.84 18.13
N ASN A 34 13.24 -1.71 17.43
CA ASN A 34 14.51 -1.07 17.06
C ASN A 34 14.72 0.32 17.65
N LEU A 35 14.01 0.60 18.74
CA LEU A 35 13.98 1.93 19.35
C LEU A 35 15.15 2.24 20.26
N THR A 36 15.46 3.54 20.35
CA THR A 36 16.31 4.11 21.39
C THR A 36 15.47 4.23 22.66
N LYS A 37 16.13 4.45 23.79
CA LYS A 37 15.43 4.63 25.06
C LYS A 37 14.43 5.78 25.03
N GLU A 38 14.85 6.93 24.50
CA GLU A 38 13.98 8.10 24.35
C GLU A 38 12.76 7.81 23.47
N GLN A 39 12.96 7.01 22.42
CA GLN A 39 11.85 6.62 21.53
C GLN A 39 10.87 5.69 22.26
N GLU A 40 11.41 4.76 23.05
CA GLU A 40 10.60 3.87 23.87
C GLU A 40 9.73 4.66 24.85
N GLU A 41 10.33 5.65 25.51
CA GLU A 41 9.62 6.49 26.47
C GLU A 41 8.53 7.34 25.81
N ALA A 42 8.85 7.85 24.63
CA ALA A 42 7.89 8.61 23.82
C ALA A 42 6.67 7.76 23.44
N LEU A 43 6.91 6.50 23.05
CA LEU A 43 5.82 5.59 22.70
C LEU A 43 4.91 5.35 23.90
N LEU A 44 5.51 5.15 25.07
CA LEU A 44 4.75 4.90 26.30
C LEU A 44 3.92 6.12 26.68
N GLN A 45 4.52 7.30 26.56
CA GLN A 45 3.83 8.56 26.85
C GLN A 45 2.68 8.79 25.88
N PHE A 46 2.93 8.50 24.61
CA PHE A 46 1.94 8.64 23.53
C PHE A 46 0.74 7.75 23.80
N ARG A 47 0.98 6.46 24.06
CA ARG A 47 -0.12 5.53 24.34
C ARG A 47 -0.90 5.95 25.57
N SER A 48 -0.20 6.46 26.58
CA SER A 48 -0.81 6.91 27.83
C SER A 48 -1.80 8.07 27.62
N ILE A 49 -1.42 9.03 26.79
CA ILE A 49 -2.30 10.15 26.45
C ILE A 49 -3.55 9.67 25.71
N LEU A 50 -3.35 8.75 24.76
CA LEU A 50 -4.47 8.26 23.96
C LEU A 50 -5.45 7.44 24.81
N LEU A 51 -4.92 6.58 25.67
CA LEU A 51 -5.73 5.83 26.63
C LEU A 51 -6.57 6.75 27.51
N GLU A 52 -5.95 7.82 28.00
CA GLU A 52 -6.60 8.82 28.84
C GLU A 52 -7.75 9.54 28.11
N LYS A 53 -7.60 9.73 26.80
CA LYS A 53 -8.62 10.35 25.95
C LYS A 53 -9.71 9.36 25.52
N ASN A 54 -9.56 8.12 25.99
CA ASN A 54 -10.53 7.03 25.79
C ASN A 54 -10.49 6.33 24.42
N TYR A 55 -9.34 6.36 23.76
CA TYR A 55 -9.12 5.53 22.59
C TYR A 55 -8.83 4.11 23.02
N LYS A 56 -9.29 3.15 22.23
CA LYS A 56 -9.12 1.74 22.57
C LYS A 56 -8.45 0.94 21.46
N GLU A 57 -8.80 1.26 20.22
CA GLU A 57 -8.32 0.51 19.06
C GLU A 57 -7.10 1.18 18.42
N ARG A 58 -6.33 0.39 17.68
CA ARG A 58 -5.17 0.87 16.91
C ARG A 58 -4.10 1.52 17.80
N LEU A 59 -3.92 0.98 19.01
CA LEU A 59 -2.93 1.47 19.95
C LEU A 59 -1.69 0.57 20.03
N ASP A 60 -1.59 -0.38 19.11
CA ASP A 60 -0.45 -1.30 19.08
C ASP A 60 0.84 -0.56 18.70
N ASP A 61 1.97 -1.18 19.05
CA ASP A 61 3.31 -0.61 18.78
C ASP A 61 3.47 -0.16 17.34
N SER A 62 3.12 -1.04 16.39
CA SER A 62 3.25 -0.73 14.96
C SER A 62 2.49 0.53 14.54
N THR A 63 1.20 0.59 14.87
CA THR A 63 0.38 1.76 14.51
C THR A 63 0.97 3.05 15.09
N LEU A 64 1.21 3.04 16.40
CA LEU A 64 1.61 4.26 17.10
C LEU A 64 3.00 4.76 16.66
N LEU A 65 3.90 3.82 16.37
CA LEU A 65 5.22 4.20 15.90
C LEU A 65 5.20 4.76 14.48
N ARG A 66 4.23 4.31 13.67
CA ARG A 66 4.01 4.89 12.34
C ARG A 66 3.67 6.39 12.47
N PHE A 67 2.77 6.73 13.39
CA PHE A 67 2.43 8.12 13.68
C PHE A 67 3.60 8.91 14.27
N LEU A 68 4.28 8.33 15.26
CA LEU A 68 5.45 8.98 15.84
C LEU A 68 6.53 9.28 14.81
N ARG A 69 6.84 8.32 13.94
CA ARG A 69 7.84 8.52 12.88
C ARG A 69 7.44 9.65 11.91
N ALA A 70 6.16 9.72 11.59
CA ALA A 70 5.61 10.74 10.68
C ALA A 70 5.74 12.17 11.24
N ARG A 71 5.85 12.28 12.56
CA ARG A 71 5.95 13.58 13.23
C ARG A 71 7.23 13.69 14.04
N LYS A 72 8.24 12.89 13.67
CA LYS A 72 9.57 12.93 14.27
C LYS A 72 9.56 12.81 15.81
N PHE A 73 8.70 11.94 16.32
CA PHE A 73 8.52 11.70 17.76
C PHE A 73 8.11 12.92 18.60
N ASP A 74 7.55 13.93 17.93
CA ASP A 74 6.90 15.06 18.61
C ASP A 74 5.58 14.51 19.12
N ILE A 75 5.49 14.25 20.42
CA ILE A 75 4.34 13.55 20.98
C ILE A 75 3.04 14.32 20.76
N ASN A 76 3.05 15.63 21.03
CA ASN A 76 1.84 16.43 20.85
C ASN A 76 1.34 16.46 19.40
N ALA A 77 2.27 16.55 18.45
CA ALA A 77 1.92 16.51 17.02
C ALA A 77 1.37 15.15 16.63
N SER A 78 1.95 14.08 17.18
CA SER A 78 1.48 12.73 16.91
C SER A 78 0.09 12.50 17.49
N VAL A 79 -0.19 13.05 18.66
CA VAL A 79 -1.54 12.98 19.23
C VAL A 79 -2.54 13.65 18.29
N GLU A 80 -2.24 14.89 17.86
CA GLU A 80 -3.13 15.62 16.94
C GLU A 80 -3.39 14.80 15.68
N MET A 81 -2.32 14.22 15.13
CA MET A 81 -2.44 13.40 13.93
C MET A 81 -3.33 12.16 14.11
N PHE A 82 -3.11 11.43 15.20
CA PHE A 82 -3.86 10.21 15.48
C PHE A 82 -5.35 10.52 15.73
N VAL A 83 -5.60 11.57 16.48
CA VAL A 83 -6.97 11.98 16.83
C VAL A 83 -7.73 12.35 15.56
N GLU A 84 -7.09 13.14 14.72
CA GLU A 84 -7.68 13.54 13.44
C GLU A 84 -7.94 12.32 12.53
N THR A 85 -7.03 11.35 12.55
CA THR A 85 -7.19 10.12 11.76
C THR A 85 -8.40 9.34 12.25
N GLU A 86 -8.52 9.20 13.56
CA GLU A 86 -9.65 8.47 14.15
C GLU A 86 -10.96 9.13 13.77
N ARG A 87 -10.99 10.47 13.78
CA ARG A 87 -12.14 11.24 13.31
C ARG A 87 -12.49 10.89 11.85
N TRP A 88 -11.47 10.93 10.98
CA TRP A 88 -11.66 10.63 9.57
C TRP A 88 -12.18 9.21 9.33
N ARG A 89 -11.56 8.23 10.01
CA ARG A 89 -11.96 6.83 9.82
C ARG A 89 -13.43 6.61 10.09
N GLU A 90 -13.93 7.25 11.15
CA GLU A 90 -15.33 7.12 11.53
C GLU A 90 -16.26 7.82 10.52
N GLU A 91 -15.92 9.05 10.17
CA GLU A 91 -16.76 9.86 9.26
C GLU A 91 -16.80 9.32 7.83
N TYR A 92 -15.67 8.76 7.39
CA TYR A 92 -15.54 8.26 6.03
C TYR A 92 -16.13 6.85 5.86
N GLY A 93 -16.14 6.07 6.95
CA GLY A 93 -16.55 4.68 6.88
C GLY A 93 -15.40 3.70 6.71
N ALA A 94 -14.17 4.15 6.95
CA ALA A 94 -12.99 3.27 6.86
C ALA A 94 -13.08 2.09 7.82
N ASN A 95 -13.70 2.30 8.98
CA ASN A 95 -13.85 1.24 9.99
C ASN A 95 -14.78 0.09 9.58
N THR A 96 -15.62 0.32 8.59
CA THR A 96 -16.55 -0.72 8.12
C THR A 96 -16.42 -1.01 6.63
N ILE A 97 -15.36 -0.52 6.00
CA ILE A 97 -15.24 -0.60 4.54
C ILE A 97 -15.17 -2.05 4.01
N ILE A 98 -14.44 -2.91 4.70
CA ILE A 98 -14.34 -4.31 4.29
C ILE A 98 -15.69 -5.02 4.47
N GLU A 99 -16.32 -4.81 5.63
CA GLU A 99 -17.64 -5.38 5.94
C GLU A 99 -18.69 -4.91 4.93
N ASP A 100 -18.70 -3.61 4.63
CA ASP A 100 -19.62 -3.03 3.64
C ASP A 100 -19.41 -3.62 2.25
N TYR A 101 -18.14 -3.79 1.85
CA TYR A 101 -17.81 -4.44 0.60
C TYR A 101 -18.35 -5.87 0.56
N GLU A 102 -18.10 -6.65 1.60
CA GLU A 102 -18.57 -8.03 1.65
C GLU A 102 -20.11 -8.16 1.56
N ASN A 103 -20.81 -7.20 2.15
CA ASN A 103 -22.28 -7.17 2.12
C ASN A 103 -22.86 -6.75 0.77
N ASN A 104 -22.02 -6.24 -0.12
CA ASN A 104 -22.40 -5.89 -1.49
C ASN A 104 -21.38 -6.41 -2.50
N LYS A 105 -20.82 -7.59 -2.21
CA LYS A 105 -19.68 -8.14 -2.96
C LYS A 105 -19.92 -8.28 -4.45
N GLU A 106 -21.03 -8.92 -4.82
CA GLU A 106 -21.34 -9.21 -6.23
C GLU A 106 -21.34 -7.97 -7.11
N ALA A 107 -22.03 -6.92 -6.65
CA ALA A 107 -22.15 -5.69 -7.41
C ALA A 107 -20.80 -4.97 -7.53
N GLU A 108 -20.07 -4.90 -6.42
CA GLU A 108 -18.76 -4.24 -6.36
C GLU A 108 -17.73 -4.96 -7.21
N ASP A 109 -17.74 -6.29 -7.18
CA ASP A 109 -16.84 -7.09 -8.02
C ASP A 109 -17.12 -6.87 -9.51
N LYS A 110 -18.40 -6.87 -9.88
CA LYS A 110 -18.80 -6.63 -11.28
C LYS A 110 -18.23 -5.33 -11.82
N GLU A 111 -18.28 -4.27 -11.01
CA GLU A 111 -17.77 -2.96 -11.43
C GLU A 111 -16.23 -2.94 -11.45
N ARG A 112 -15.61 -3.57 -10.45
CA ARG A 112 -14.15 -3.61 -10.35
C ARG A 112 -13.49 -4.28 -11.55
N ILE A 113 -14.13 -5.33 -12.04
CA ILE A 113 -13.63 -6.09 -13.18
C ILE A 113 -13.66 -5.29 -14.49
N LYS A 114 -14.55 -4.30 -14.58
CA LYS A 114 -14.65 -3.44 -15.74
C LYS A 114 -13.39 -2.60 -15.94
N LEU A 115 -12.73 -2.27 -14.84
CA LEU A 115 -11.55 -1.39 -14.87
C LEU A 115 -10.22 -2.14 -14.85
N ALA A 116 -10.25 -3.42 -14.47
CA ALA A 116 -9.03 -4.19 -14.23
C ALA A 116 -8.09 -4.23 -15.43
N LYS A 117 -8.63 -4.51 -16.62
CA LYS A 117 -7.81 -4.60 -17.84
C LYS A 117 -7.23 -3.24 -18.23
N MET A 118 -8.05 -2.19 -18.14
CA MET A 118 -7.63 -0.84 -18.48
C MET A 118 -6.60 -0.27 -17.50
N TYR A 119 -6.76 -0.60 -16.22
CA TYR A 119 -5.85 -0.12 -15.17
C TYR A 119 -5.41 -1.27 -14.27
N PRO A 120 -4.43 -2.07 -14.75
CA PRO A 120 -3.92 -3.17 -13.94
C PRO A 120 -3.40 -2.71 -12.59
N GLN A 121 -3.93 -3.34 -11.54
CA GLN A 121 -3.49 -3.13 -10.16
C GLN A 121 -3.43 -4.50 -9.51
N TYR A 122 -2.22 -4.98 -9.23
CA TYR A 122 -2.11 -6.33 -8.70
C TYR A 122 -0.91 -6.53 -7.78
N TYR A 123 -1.13 -7.27 -6.71
CA TYR A 123 -0.03 -7.76 -5.87
C TYR A 123 0.48 -9.07 -6.45
N HIS A 124 1.80 -9.27 -6.36
CA HIS A 124 2.43 -10.48 -6.90
C HIS A 124 3.66 -10.80 -6.05
N HIS A 125 3.44 -11.70 -5.07
CA HIS A 125 4.49 -12.11 -4.12
C HIS A 125 5.07 -10.93 -3.32
N VAL A 126 6.38 -10.96 -3.05
CA VAL A 126 7.02 -10.07 -2.08
C VAL A 126 8.39 -9.59 -2.58
N ASP A 127 8.92 -8.53 -1.97
CA ASP A 127 10.32 -8.16 -2.25
C ASP A 127 11.28 -8.97 -1.36
N LYS A 128 12.56 -8.62 -1.38
CA LYS A 128 13.59 -9.35 -0.62
C LYS A 128 13.45 -9.25 0.90
N ASP A 129 12.76 -8.20 1.36
CA ASP A 129 12.50 -8.00 2.79
C ASP A 129 11.19 -8.64 3.24
N GLY A 130 10.37 -9.10 2.28
CA GLY A 130 9.08 -9.70 2.60
C GLY A 130 7.89 -8.76 2.47
N ARG A 131 8.13 -7.55 1.94
CA ARG A 131 7.04 -6.59 1.70
C ARG A 131 6.12 -7.09 0.58
N PRO A 132 4.78 -6.95 0.73
CA PRO A 132 3.95 -7.24 -0.44
C PRO A 132 4.43 -6.46 -1.65
N LEU A 133 4.55 -7.14 -2.78
CA LEU A 133 5.03 -6.53 -4.01
C LEU A 133 3.84 -6.14 -4.89
N TYR A 134 3.74 -4.86 -5.20
CA TYR A 134 2.56 -4.31 -5.87
C TYR A 134 2.88 -3.65 -7.19
N PHE A 135 2.08 -3.96 -8.21
CA PHE A 135 2.24 -3.42 -9.56
C PHE A 135 1.00 -2.65 -9.99
N ALA A 136 1.23 -1.50 -10.61
CA ALA A 136 0.16 -0.71 -11.21
C ALA A 136 0.64 -0.21 -12.57
N GLU A 137 -0.18 -0.40 -13.60
CA GLU A 137 0.18 0.00 -14.95
C GLU A 137 -0.78 1.08 -15.43
N LEU A 138 -0.23 2.19 -15.91
CA LEU A 138 -1.04 3.37 -16.26
C LEU A 138 -1.23 3.62 -17.77
N GLY A 139 -0.43 2.94 -18.59
CA GLY A 139 -0.36 3.24 -20.02
C GLY A 139 -1.52 2.81 -20.90
N GLY A 140 -2.39 1.95 -20.37
CA GLY A 140 -3.58 1.51 -21.09
C GLY A 140 -4.83 2.30 -20.72
N ILE A 141 -4.68 3.25 -19.81
CA ILE A 141 -5.79 4.10 -19.36
C ILE A 141 -6.24 5.05 -20.47
N ASN A 142 -7.53 4.99 -20.79
CA ASN A 142 -8.16 5.97 -21.66
C ASN A 142 -9.07 6.79 -20.75
N LEU A 143 -8.73 8.05 -20.55
CA LEU A 143 -9.40 8.90 -19.57
C LEU A 143 -10.90 9.09 -19.82
N LYS A 144 -11.27 9.29 -21.09
CA LYS A 144 -12.69 9.40 -21.46
C LYS A 144 -13.49 8.17 -21.08
N LYS A 145 -12.95 6.98 -21.38
CA LYS A 145 -13.60 5.71 -21.03
C LYS A 145 -13.61 5.47 -19.52
N MET A 146 -12.53 5.86 -18.84
CA MET A 146 -12.44 5.74 -17.39
C MET A 146 -13.55 6.50 -16.69
N TYR A 147 -13.72 7.77 -17.05
CA TYR A 147 -14.72 8.64 -16.44
C TYR A 147 -16.16 8.20 -16.69
N LYS A 148 -16.36 7.35 -17.69
CA LYS A 148 -17.70 6.84 -17.99
C LYS A 148 -18.04 5.54 -17.26
N ILE A 149 -17.02 4.85 -16.73
CA ILE A 149 -17.28 3.62 -15.96
C ILE A 149 -16.99 3.74 -14.45
N THR A 150 -16.17 4.71 -14.05
CA THR A 150 -15.90 4.96 -12.63
C THR A 150 -15.97 6.45 -12.29
N THR A 151 -15.74 6.77 -11.01
CA THR A 151 -15.63 8.15 -10.54
C THR A 151 -14.37 8.28 -9.69
N GLU A 152 -13.86 9.51 -9.54
CA GLU A 152 -12.72 9.74 -8.66
C GLU A 152 -12.96 9.26 -7.23
N LYS A 153 -14.15 9.57 -6.70
CA LYS A 153 -14.53 9.13 -5.36
C LYS A 153 -14.54 7.61 -5.21
N GLN A 154 -15.04 6.91 -6.24
CA GLN A 154 -15.02 5.44 -6.27
C GLN A 154 -13.58 4.90 -6.20
N MET A 155 -12.68 5.55 -6.94
CA MET A 155 -11.28 5.12 -6.98
CA MET A 155 -11.27 5.14 -6.99
C MET A 155 -10.59 5.38 -5.64
N LEU A 156 -10.96 6.48 -4.97
CA LEU A 156 -10.44 6.75 -3.64
C LEU A 156 -10.96 5.75 -2.61
N ARG A 157 -12.23 5.35 -2.75
CA ARG A 157 -12.80 4.26 -1.94
C ARG A 157 -11.99 2.97 -2.13
N ASN A 158 -11.67 2.66 -3.38
CA ASN A 158 -10.85 1.48 -3.70
C ASN A 158 -9.50 1.54 -3.02
N LEU A 159 -8.91 2.73 -2.98
CA LEU A 159 -7.63 2.94 -2.31
C LEU A 159 -7.73 2.69 -0.80
N VAL A 160 -8.75 3.27 -0.17
CA VAL A 160 -8.97 3.10 1.25
C VAL A 160 -9.25 1.63 1.58
N LYS A 161 -10.10 0.98 0.78
CA LYS A 161 -10.37 -0.44 0.99
C LYS A 161 -9.09 -1.25 0.88
N GLU A 162 -8.22 -0.93 -0.09
CA GLU A 162 -6.93 -1.62 -0.17
C GLU A 162 -6.06 -1.40 1.06
N TYR A 163 -6.00 -0.19 1.59
CA TYR A 163 -5.22 0.05 2.82
C TYR A 163 -5.73 -0.82 3.98
N GLU A 164 -7.05 -0.99 4.05
CA GLU A 164 -7.63 -1.82 5.10
C GLU A 164 -7.34 -3.30 4.89
N LEU A 165 -7.46 -3.77 3.65
CA LEU A 165 -7.10 -5.15 3.30
C LEU A 165 -5.62 -5.42 3.51
N PHE A 166 -4.78 -4.43 3.20
CA PHE A 166 -3.34 -4.54 3.42
C PHE A 166 -3.09 -4.81 4.92
N ALA A 167 -3.70 -3.99 5.76
CA ALA A 167 -3.50 -4.09 7.20
C ALA A 167 -4.11 -5.36 7.81
N THR A 168 -5.28 -5.77 7.33
CA THR A 168 -5.90 -6.92 8.01
C THR A 168 -5.43 -8.28 7.47
N TYR A 169 -5.04 -8.36 6.19
CA TYR A 169 -4.69 -9.65 5.58
C TYR A 169 -3.25 -9.81 5.11
N ARG A 170 -2.74 -8.78 4.44
CA ARG A 170 -1.42 -8.89 3.83
C ARG A 170 -0.32 -8.80 4.88
N VAL A 171 -0.44 -7.82 5.80
CA VAL A 171 0.52 -7.68 6.89
C VAL A 171 0.69 -8.95 7.76
N PRO A 172 -0.41 -9.49 8.31
CA PRO A 172 -0.26 -10.70 9.14
C PRO A 172 0.45 -11.86 8.41
N ALA A 173 0.03 -12.16 7.19
CA ALA A 173 0.59 -13.30 6.47
C ALA A 173 2.04 -13.07 6.08
N CYS A 174 2.33 -11.88 5.56
CA CYS A 174 3.70 -11.54 5.17
C CYS A 174 4.64 -11.53 6.37
N SER A 175 4.13 -11.09 7.53
CA SER A 175 4.95 -11.04 8.74
C SER A 175 5.26 -12.44 9.25
N ARG A 176 4.27 -13.34 9.18
CA ARG A 176 4.45 -14.74 9.58
C ARG A 176 5.48 -15.43 8.69
N ARG A 177 5.41 -15.16 7.39
CA ARG A 177 6.39 -15.71 6.45
C ARG A 177 7.81 -15.17 6.69
N ALA A 178 7.93 -13.87 6.87
CA ALA A 178 9.23 -13.20 7.01
C ALA A 178 9.90 -13.54 8.35
N GLY A 179 9.08 -13.83 9.35
CA GLY A 179 9.55 -14.05 10.71
C GLY A 179 9.73 -12.75 11.48
N TYR A 180 9.29 -11.64 10.85
CA TYR A 180 9.31 -10.33 11.50
CA TYR A 180 9.38 -10.29 11.42
C TYR A 180 8.19 -9.45 10.96
N LEU A 181 7.87 -8.40 11.69
CA LEU A 181 6.79 -7.49 11.30
C LEU A 181 7.07 -6.79 9.97
N ILE A 182 6.09 -6.88 9.06
CA ILE A 182 6.08 -6.19 7.77
C ILE A 182 5.05 -5.06 7.89
N GLU A 183 5.42 -3.84 7.49
CA GLU A 183 4.52 -2.68 7.64
C GLU A 183 4.24 -1.92 6.35
N THR A 184 4.97 -2.23 5.29
CA THR A 184 5.01 -1.40 4.09
C THR A 184 4.99 -2.20 2.80
N SER A 185 4.79 -1.50 1.68
CA SER A 185 4.73 -2.10 0.35
C SER A 185 5.99 -1.85 -0.46
N CYS A 186 6.28 -2.77 -1.37
CA CYS A 186 7.23 -2.51 -2.46
C CYS A 186 6.41 -2.30 -3.74
N THR A 187 6.38 -1.06 -4.21
CA THR A 187 5.50 -0.68 -5.32
C THR A 187 6.25 -0.36 -6.60
N VAL A 188 5.73 -0.88 -7.71
CA VAL A 188 6.24 -0.56 -9.03
C VAL A 188 5.11 0.07 -9.88
N LEU A 189 5.29 1.33 -10.23
CA LEU A 189 4.34 2.09 -11.06
C LEU A 189 4.90 2.21 -12.47
N ASP A 190 4.23 1.55 -13.41
CA ASP A 190 4.65 1.48 -14.80
C ASP A 190 3.94 2.55 -15.63
N LEU A 191 4.72 3.50 -16.16
CA LEU A 191 4.16 4.62 -16.93
C LEU A 191 4.34 4.50 -18.45
N LYS A 192 4.77 3.32 -18.90
CA LYS A 192 4.93 3.06 -20.31
C LYS A 192 3.62 3.33 -21.07
N GLY A 193 3.68 4.21 -22.05
CA GLY A 193 2.53 4.49 -22.90
C GLY A 193 1.60 5.60 -22.46
N ILE A 194 1.92 6.28 -21.36
CA ILE A 194 1.06 7.39 -20.89
C ILE A 194 1.29 8.65 -21.70
N SER A 195 0.30 9.53 -21.70
CA SER A 195 0.48 10.86 -22.25
C SER A 195 0.62 11.85 -21.10
N LEU A 196 1.66 12.69 -21.19
CA LEU A 196 1.92 13.69 -20.15
C LEU A 196 0.76 14.66 -19.99
N SER A 197 0.07 14.93 -21.10
CA SER A 197 -1.14 15.73 -21.06
C SER A 197 -2.15 15.15 -20.06
N ASN A 198 -2.42 13.85 -20.18
CA ASN A 198 -3.30 13.15 -19.25
C ASN A 198 -2.83 13.23 -17.80
N ALA A 199 -1.51 13.14 -17.60
CA ALA A 199 -0.91 13.26 -16.28
C ALA A 199 -1.28 14.57 -15.58
N TYR A 200 -1.14 15.69 -16.30
CA TYR A 200 -1.50 17.00 -15.78
C TYR A 200 -2.98 17.09 -15.46
N HIS A 201 -3.80 16.47 -16.32
CA HIS A 201 -5.25 16.49 -16.15
C HIS A 201 -5.70 15.83 -14.85
N VAL A 202 -4.96 14.83 -14.38
CA VAL A 202 -5.34 14.11 -13.16
C VAL A 202 -4.61 14.56 -11.89
N LEU A 203 -3.90 15.70 -11.95
CA LEU A 203 -3.20 16.23 -10.78
C LEU A 203 -4.03 16.28 -9.51
N SER A 204 -5.29 16.73 -9.62
CA SER A 204 -6.13 16.89 -8.44
C SER A 204 -6.46 15.52 -7.81
N TYR A 205 -6.64 14.51 -8.65
CA TYR A 205 -6.80 13.14 -8.15
C TYR A 205 -5.54 12.66 -7.44
N ILE A 206 -4.37 12.91 -8.05
CA ILE A 206 -3.10 12.53 -7.44
C ILE A 206 -2.96 13.17 -6.05
N LYS A 207 -3.32 14.45 -5.95
CA LYS A 207 -3.30 15.14 -4.66
C LYS A 207 -4.24 14.49 -3.63
N ASP A 208 -5.41 14.07 -4.07
CA ASP A 208 -6.35 13.41 -3.16
C ASP A 208 -5.78 12.09 -2.62
N VAL A 209 -5.09 11.34 -3.48
CA VAL A 209 -4.44 10.09 -3.06
C VAL A 209 -3.34 10.41 -2.05
N ALA A 210 -2.51 11.39 -2.38
CA ALA A 210 -1.42 11.79 -1.49
C ALA A 210 -1.94 12.27 -0.14
N ASP A 211 -3.06 13.00 -0.16
CA ASP A 211 -3.65 13.52 1.08
C ASP A 211 -4.16 12.41 2.00
N ILE A 212 -4.94 11.46 1.47
CA ILE A 212 -5.39 10.31 2.25
C ILE A 212 -4.19 9.50 2.77
N SER A 213 -3.25 9.22 1.88
CA SER A 213 -2.07 8.42 2.23
C SER A 213 -1.26 9.02 3.38
N GLN A 214 -0.91 10.30 3.23
CA GLN A 214 -0.05 10.98 4.18
C GLN A 214 -0.75 11.40 5.47
N ASN A 215 -2.03 11.74 5.38
CA ASN A 215 -2.77 12.16 6.57
C ASN A 215 -3.26 11.01 7.43
N TYR A 216 -3.70 9.92 6.82
CA TYR A 216 -4.43 8.88 7.53
C TYR A 216 -3.73 7.53 7.52
N TYR A 217 -2.74 7.36 6.65
CA TYR A 217 -1.99 6.11 6.57
C TYR A 217 -0.48 6.35 6.63
N PRO A 218 -0.01 7.06 7.66
CA PRO A 218 1.40 7.44 7.69
C PRO A 218 2.33 6.23 7.64
N GLU A 219 3.47 6.41 6.97
CA GLU A 219 4.56 5.43 6.99
C GLU A 219 4.18 4.04 6.45
N ARG A 220 3.25 4.02 5.49
CA ARG A 220 2.90 2.78 4.79
C ARG A 220 3.75 2.55 3.53
N MET A 221 4.45 3.57 3.07
CA MET A 221 5.31 3.46 1.88
C MET A 221 6.64 2.81 2.25
N GLY A 222 7.08 1.84 1.46
CA GLY A 222 8.35 1.18 1.70
C GLY A 222 9.31 1.56 0.58
N LYS A 223 9.07 0.99 -0.60
CA LYS A 223 9.76 1.38 -1.83
C LYS A 223 8.70 1.72 -2.87
N PHE A 224 8.97 2.76 -3.66
CA PHE A 224 8.01 3.21 -4.67
C PHE A 224 8.77 3.58 -5.95
N TYR A 225 8.81 2.64 -6.90
CA TYR A 225 9.55 2.80 -8.14
C TYR A 225 8.66 3.27 -9.27
N ILE A 226 9.07 4.34 -9.94
CA ILE A 226 8.37 4.78 -11.13
C ILE A 226 9.21 4.41 -12.34
N ILE A 227 8.67 3.53 -13.18
CA ILE A 227 9.40 3.00 -14.34
C ILE A 227 8.75 3.41 -15.66
N HIS A 228 9.55 3.40 -16.72
CA HIS A 228 9.11 3.73 -18.07
C HIS A 228 8.47 5.13 -18.15
N SER A 229 8.92 6.06 -17.33
CA SER A 229 8.38 7.42 -17.42
C SER A 229 8.87 8.07 -18.72
N PRO A 230 7.97 8.78 -19.43
CA PRO A 230 8.38 9.42 -20.68
C PRO A 230 9.28 10.63 -20.42
N PHE A 231 10.09 11.01 -21.40
CA PHE A 231 10.87 12.25 -21.30
C PHE A 231 9.89 13.40 -21.07
N GLY A 232 10.21 14.26 -20.12
CA GLY A 232 9.31 15.35 -19.76
C GLY A 232 8.51 15.04 -18.49
N PHE A 233 8.65 13.81 -18.00
CA PHE A 233 8.01 13.43 -16.73
C PHE A 233 8.59 14.18 -15.53
N SER A 234 9.89 14.50 -15.59
CA SER A 234 10.55 15.27 -14.54
CA SER A 234 10.56 15.28 -14.54
C SER A 234 9.81 16.59 -14.30
N THR A 235 9.39 17.22 -15.40
CA THR A 235 8.64 18.48 -15.35
C THR A 235 7.28 18.28 -14.69
N MET A 236 6.58 17.22 -15.11
CA MET A 236 5.26 16.95 -14.55
C MET A 236 5.34 16.63 -13.05
N PHE A 237 6.35 15.87 -12.65
CA PHE A 237 6.56 15.52 -11.24
C PHE A 237 6.80 16.72 -10.32
N LYS A 238 7.30 17.81 -10.90
CA LYS A 238 7.46 19.08 -10.19
C LYS A 238 6.12 19.72 -9.78
N MET A 239 5.02 19.27 -10.39
CA MET A 239 3.67 19.69 -9.97
C MET A 239 3.13 18.81 -8.84
N VAL A 240 3.77 17.64 -8.65
CA VAL A 240 3.37 16.67 -7.61
C VAL A 240 4.11 16.90 -6.29
N LYS A 241 5.42 17.12 -6.38
CA LYS A 241 6.29 17.33 -5.22
C LYS A 241 5.79 18.31 -4.14
N PRO A 242 5.19 19.46 -4.54
CA PRO A 242 4.72 20.43 -3.54
C PRO A 242 3.74 19.88 -2.50
N PHE A 243 2.96 18.85 -2.84
CA PHE A 243 2.02 18.30 -1.86
C PHE A 243 2.46 16.95 -1.26
N LEU A 244 3.74 16.62 -1.47
CA LEU A 244 4.35 15.44 -0.87
C LEU A 244 5.30 15.85 0.26
N ASP A 245 5.20 15.15 1.38
CA ASP A 245 6.09 15.39 2.50
C ASP A 245 7.49 14.89 2.17
N PRO A 246 8.53 15.49 2.78
CA PRO A 246 9.93 15.10 2.52
C PRO A 246 10.19 13.60 2.62
N VAL A 247 9.61 12.94 3.61
CA VAL A 247 9.79 11.49 3.78
C VAL A 247 9.20 10.74 2.57
N THR A 248 8.01 11.17 2.13
CA THR A 248 7.35 10.59 0.96
C THR A 248 8.24 10.67 -0.29
N VAL A 249 8.80 11.86 -0.54
CA VAL A 249 9.71 12.10 -1.65
C VAL A 249 10.92 11.17 -1.60
N SER A 250 11.41 10.90 -0.38
CA SER A 250 12.59 10.04 -0.19
C SER A 250 12.35 8.56 -0.52
N LYS A 251 11.08 8.16 -0.59
CA LYS A 251 10.71 6.77 -0.91
C LYS A 251 10.47 6.55 -2.40
N ILE A 252 10.41 7.62 -3.18
CA ILE A 252 10.08 7.53 -4.59
C ILE A 252 11.34 7.58 -5.46
N PHE A 253 11.50 6.56 -6.29
CA PHE A 253 12.66 6.43 -7.17
C PHE A 253 12.21 6.39 -8.62
N ILE A 254 12.54 7.44 -9.37
CA ILE A 254 12.22 7.49 -10.79
C ILE A 254 13.39 6.85 -11.53
N LEU A 255 13.15 5.68 -12.12
CA LEU A 255 14.21 4.86 -12.72
C LEU A 255 14.37 5.09 -14.23
N GLY A 256 15.57 4.80 -14.74
CA GLY A 256 15.86 5.03 -16.16
C GLY A 256 15.91 3.74 -16.95
N SER A 257 16.68 3.76 -18.03
CA SER A 257 16.83 2.58 -18.89
C SER A 257 17.38 1.36 -18.13
N SER A 258 18.05 1.61 -17.00
CA SER A 258 18.63 0.53 -16.18
C SER A 258 17.65 0.00 -15.12
N TYR A 259 16.37 0.28 -15.28
CA TYR A 259 15.40 -0.04 -14.22
C TYR A 259 15.37 -1.53 -13.82
N LYS A 260 15.59 -2.42 -14.77
CA LYS A 260 15.58 -3.86 -14.49
C LYS A 260 16.65 -4.21 -13.45
N LYS A 261 17.83 -3.63 -13.61
CA LYS A 261 18.93 -3.85 -12.65
C LYS A 261 18.61 -3.32 -11.25
N GLU A 262 17.90 -2.19 -11.19
CA GLU A 262 17.51 -1.60 -9.92
C GLU A 262 16.44 -2.43 -9.21
N LEU A 263 15.44 -2.88 -9.97
CA LEU A 263 14.40 -3.77 -9.44
C LEU A 263 14.99 -5.08 -8.89
N LEU A 264 15.99 -5.62 -9.57
CA LEU A 264 16.61 -6.89 -9.18
C LEU A 264 17.45 -6.81 -7.90
N LYS A 265 17.86 -5.61 -7.51
CA LYS A 265 18.56 -5.41 -6.24
C LYS A 265 17.58 -5.59 -5.08
N GLN A 266 16.29 -5.36 -5.35
CA GLN A 266 15.29 -5.24 -4.29
C GLN A 266 14.30 -6.39 -4.29
N ILE A 267 14.12 -7.01 -5.44
CA ILE A 267 13.06 -8.00 -5.65
C ILE A 267 13.68 -9.31 -6.16
N PRO A 268 13.32 -10.45 -5.53
CA PRO A 268 13.79 -11.77 -6.02
C PRO A 268 13.39 -11.97 -7.48
N ILE A 269 14.31 -12.51 -8.28
CA ILE A 269 14.07 -12.68 -9.71
C ILE A 269 12.82 -13.50 -10.02
N GLU A 270 12.57 -14.54 -9.22
CA GLU A 270 11.42 -15.43 -9.42
C GLU A 270 10.09 -14.78 -9.06
N ASN A 271 10.14 -13.60 -8.44
CA ASN A 271 8.95 -12.85 -8.04
C ASN A 271 8.60 -11.72 -9.01
N LEU A 272 9.53 -11.41 -9.91
CA LEU A 272 9.38 -10.33 -10.87
C LEU A 272 8.85 -10.87 -12.21
N PRO A 273 7.74 -10.30 -12.73
CA PRO A 273 7.24 -10.69 -14.04
C PRO A 273 8.33 -10.62 -15.10
N VAL A 274 8.24 -11.49 -16.11
CA VAL A 274 9.20 -11.56 -17.21
C VAL A 274 9.42 -10.22 -17.92
N LYS A 275 8.35 -9.48 -18.18
CA LYS A 275 8.45 -8.20 -18.90
C LYS A 275 9.25 -7.12 -18.14
N TYR A 276 9.49 -7.35 -16.86
CA TYR A 276 10.30 -6.44 -16.04
C TYR A 276 11.69 -7.00 -15.74
N GLY A 277 12.02 -8.12 -16.36
CA GLY A 277 13.37 -8.69 -16.28
C GLY A 277 13.53 -9.89 -15.35
N GLY A 278 12.41 -10.40 -14.85
CA GLY A 278 12.42 -11.57 -13.97
C GLY A 278 11.96 -12.85 -14.67
N THR A 279 11.60 -13.85 -13.88
CA THR A 279 11.20 -15.15 -14.41
C THR A 279 9.78 -15.58 -14.00
N SER A 280 9.04 -14.69 -13.35
CA SER A 280 7.70 -15.06 -12.89
C SER A 280 6.67 -15.12 -14.01
N VAL A 281 6.04 -16.28 -14.13
CA VAL A 281 5.01 -16.55 -15.13
C VAL A 281 3.83 -17.20 -14.43
N LEU A 282 2.62 -16.74 -14.73
CA LEU A 282 1.41 -17.36 -14.18
C LEU A 282 1.32 -18.84 -14.56
N HIS A 283 0.73 -19.65 -13.69
CA HIS A 283 0.72 -21.10 -13.89
C HIS A 283 -0.13 -21.51 -15.10
N ASN A 284 -1.21 -20.79 -15.32
CA ASN A 284 -1.94 -20.90 -16.58
C ASN A 284 -1.66 -19.65 -17.41
N PRO A 285 -0.81 -19.77 -18.45
CA PRO A 285 -0.41 -18.61 -19.28
C PRO A 285 -1.58 -17.95 -20.01
N ASN A 286 -2.77 -18.54 -19.90
CA ASN A 286 -4.01 -17.91 -20.36
C ASN A 286 -4.54 -16.88 -19.35
N ASP A 287 -4.18 -17.06 -18.08
CA ASP A 287 -4.59 -16.15 -17.00
C ASP A 287 -3.92 -14.77 -17.11
N LYS A 288 -4.57 -13.77 -16.53
CA LYS A 288 -4.13 -12.37 -16.62
C LYS A 288 -3.60 -11.84 -15.29
N PHE A 289 -2.46 -11.16 -15.33
CA PHE A 289 -1.93 -10.50 -14.13
C PHE A 289 -2.93 -9.50 -13.53
N TYR A 290 -3.69 -8.80 -14.37
CA TYR A 290 -4.63 -7.80 -13.85
C TYR A 290 -5.86 -8.38 -13.14
N TYR A 291 -6.00 -9.70 -13.15
CA TYR A 291 -6.99 -10.39 -12.30
C TYR A 291 -6.32 -11.17 -11.17
N SER A 292 -5.01 -10.97 -10.97
CA SER A 292 -4.27 -11.82 -10.05
C SER A 292 -4.06 -11.19 -8.66
N ASP A 293 -3.97 -12.05 -7.65
CA ASP A 293 -3.71 -11.63 -6.29
C ASP A 293 -2.92 -12.73 -5.57
N ILE A 294 -1.67 -12.91 -5.97
CA ILE A 294 -0.84 -14.00 -5.48
C ILE A 294 0.15 -13.48 -4.43
N GLY A 295 0.22 -14.20 -3.30
CA GLY A 295 1.17 -13.87 -2.24
C GLY A 295 0.98 -14.71 -1.00
N PRO A 296 1.78 -14.43 0.05
CA PRO A 296 1.71 -15.20 1.30
C PRO A 296 0.30 -15.24 1.92
N TRP A 297 -0.51 -14.22 1.66
CA TRP A 297 -1.89 -14.14 2.17
C TRP A 297 -2.83 -15.14 1.49
N ARG A 298 -2.31 -15.88 0.50
CA ARG A 298 -3.03 -16.98 -0.15
C ARG A 298 -2.55 -18.35 0.33
N ASP A 299 -1.51 -18.36 1.16
CA ASP A 299 -0.88 -19.62 1.58
C ASP A 299 -1.41 -20.06 2.94
N PRO A 300 -2.08 -21.24 3.01
CA PRO A 300 -2.64 -21.74 4.27
C PRO A 300 -1.62 -21.75 5.43
N ARG A 301 -0.34 -21.93 5.10
CA ARG A 301 0.73 -21.88 6.10
CA ARG A 301 0.75 -21.88 6.08
C ARG A 301 0.79 -20.54 6.83
N TYR A 302 0.41 -19.46 6.14
CA TYR A 302 0.58 -18.11 6.67
C TYR A 302 -0.69 -17.33 6.97
N ILE A 303 -1.84 -17.90 6.63
CA ILE A 303 -3.13 -17.31 6.98
C ILE A 303 -3.45 -17.68 8.43
N GLY A 304 -3.87 -16.68 9.22
CA GLY A 304 -4.18 -16.90 10.64
C GLY A 304 -5.67 -16.71 10.93
N PRO A 305 -6.00 -16.33 12.17
CA PRO A 305 -7.40 -16.18 12.61
C PRO A 305 -8.18 -15.11 11.86
N GLU A 306 -7.47 -14.20 11.19
CA GLU A 306 -8.09 -13.16 10.36
C GLU A 306 -8.85 -13.77 9.16
N GLY A 307 -8.48 -15.00 8.81
CA GLY A 307 -9.07 -15.69 7.67
C GLY A 307 -8.44 -15.20 6.37
N GLU A 308 -8.93 -15.75 5.25
CA GLU A 308 -8.36 -15.39 3.96
C GLU A 308 -9.03 -14.16 3.36
N ILE A 309 -8.19 -13.32 2.76
CA ILE A 309 -8.63 -12.12 2.06
C ILE A 309 -9.74 -12.42 1.05
N PRO A 310 -10.76 -11.53 0.95
CA PRO A 310 -11.79 -11.67 -0.08
C PRO A 310 -11.20 -11.52 -1.49
N ASN A 311 -11.85 -12.13 -2.46
CA ASN A 311 -11.39 -12.11 -3.84
C ASN A 311 -11.93 -10.90 -4.60
N ILE A 312 -11.03 -9.96 -4.86
CA ILE A 312 -11.37 -8.63 -5.38
C ILE A 312 -11.87 -8.64 -6.81
N PHE A 313 -11.49 -9.66 -7.57
CA PHE A 313 -11.97 -9.80 -8.95
C PHE A 313 -12.99 -10.92 -9.10
N GLY A 314 -13.68 -11.23 -7.99
CA GLY A 314 -14.71 -12.27 -7.98
C GLY A 314 -14.19 -13.60 -8.51
N LYS A 315 -14.98 -14.23 -9.37
CA LYS A 315 -14.66 -15.53 -9.99
C LYS A 315 -13.43 -15.50 -10.90
N PHE A 316 -13.03 -14.30 -11.34
CA PHE A 316 -11.87 -14.16 -12.22
C PHE A 316 -10.53 -14.10 -11.45
N THR A 317 -10.62 -13.98 -10.12
CA THR A 317 -9.43 -13.81 -9.28
C THR A 317 -8.45 -14.98 -9.42
N VAL A 318 -7.22 -14.68 -9.83
CA VAL A 318 -6.17 -15.67 -9.97
C VAL A 318 -5.37 -15.70 -8.67
N THR A 319 -5.33 -16.87 -8.02
CA THR A 319 -4.77 -16.94 -6.67
C THR A 319 -3.55 -17.85 -6.58
C24 PEE B . -11.57 8.62 -13.04
C23 PEE B . -10.33 9.42 -12.61
C22 PEE B . -9.12 9.01 -13.45
C21 PEE B . -7.86 9.11 -12.58
C20 PEE B . -6.94 7.92 -12.89
C19 PEE B . -5.49 8.38 -12.93
C18 PEE B . -4.56 7.18 -12.70
C17 PEE B . -4.20 7.07 -11.21
C16 PEE B . -3.05 8.01 -10.87
C15 PEE B . -1.87 7.21 -10.32
C14 PEE B . -1.75 7.41 -8.81
C13 PEE B . -0.77 6.39 -8.25
C12 PEE B . -1.47 5.56 -7.17
C11 PEE B . -0.45 4.76 -6.34
C10 PEE B . -0.72 4.93 -4.85
O4 PEE B . -1.78 4.57 -4.35
O2 PEE B . 0.33 5.49 -4.16
C2 PEE B . 0.12 5.73 -2.76
C1 PEE B . 1.12 4.92 -1.93
O3P PEE B . 1.26 3.59 -2.45
P PEE B . 1.89 2.40 -1.54
O2P PEE B . 3.13 1.90 -2.19
O1P PEE B . 1.92 2.78 -0.12
O4P PEE B . 0.75 1.30 -1.67
C4 PEE B . 0.41 0.73 -2.94
C5 PEE B . -0.64 -0.37 -2.70
N PEE B . -0.42 -1.05 -1.41
C3 PEE B . 0.37 7.22 -2.49
O3 PEE B . 1.56 7.64 -3.17
C30 PEE B . 1.67 9.00 -3.23
O5 PEE B . 1.84 9.70 -2.23
C31 PEE B . 1.55 9.63 -4.63
C32 PEE B . 2.67 9.16 -5.60
C33 PEE B . 2.71 10.08 -6.84
C34 PEE B . 2.82 9.29 -8.16
C35 PEE B . 2.54 10.25 -9.35
C36 PEE B . 2.51 9.54 -10.72
C37 PEE B . 1.69 10.37 -11.71
C38 PEE B . 1.56 9.75 -13.11
C39 PEE B . 0.10 9.93 -13.59
C40 PEE B . -0.09 9.57 -15.07
C41 PEE B . -1.58 9.49 -15.40
C42 PEE B . -1.80 8.78 -16.75
C43 PEE B . -3.29 8.69 -17.07
C1 GOL C . -5.82 -0.04 8.85
O1 GOL C . -6.70 -0.76 9.69
C2 GOL C . -5.08 1.01 9.66
O2 GOL C . -4.77 0.45 10.92
C3 GOL C . -3.79 1.50 8.98
O3 GOL C . -3.48 0.80 7.79
#